data_3BWJ
#
_entry.id   3BWJ
#
_cell.length_a   71.188
_cell.length_b   72.632
_cell.length_c   77.221
_cell.angle_alpha   90.00
_cell.angle_beta   90.00
_cell.angle_gamma   90.00
#
_symmetry.space_group_name_H-M   'P 21 21 21'
#
loop_
_entity.id
_entity.type
_entity.pdbx_description
1 polymer 'cAMP-dependent protein kinase, alpha-catalytic subunit'
2 non-polymer (2S,3S,4R,5R)-5-(6-amino-9H-purin-9-yl)-N-(6-{[(1R)-4-carbamimidamido-1-{[(1R)-4-carbamimidamido-1-carbamoylbutyl]carbamoyl}butyl]amino}-6-oxohexyl)-3,4-dihydroxytetrahydrofuran-2-carboxamide
3 water water
#
_entity_poly.entity_id   1
_entity_poly.type   'polypeptide(L)'
_entity_poly.pdbx_seq_one_letter_code
;GNAAAAKKGSEQESVKEFLAKAKEDFLKKWENPAQNTAHLDQFERIKTLGTGSFGRVMLVKHMETGNHYAMKILDKQKVV
KLKQIEHTLNEKRILQAVNFPFLVKLEFSFKDNSNLYMVMEYVPGGEMFSHLRRIGRF(SEP)EPHARFYAAQIVLTFEY
LHSLDLIYRDLKPENLLIDQQGYIQVTDFGFAKRVKGRTW(TPO)LCGTPEYLAPEIILSKGYNKAVDWWALGVLIYEMA
AGYPPFFADQPIQIYEKIVSGKVRFPSHFSSDLKDLLRNLLQVDLTKRFGNLKNGVNDIKNHKWFATTDWIAIYQRKVEA
PFIPKFKGPGDTSNFDDYEEEEIRV(SEP)INEKCGKEFSEF
;
_entity_poly.pdbx_strand_id   A
#
loop_
_chem_comp.id
_chem_comp.type
_chem_comp.name
_chem_comp.formula
ARX peptide-like (2S,3S,4R,5R)-5-(6-amino-9H-purin-9-yl)-N-(6-{[(1R)-4-carbamimidamido-1-{[(1R)-4-carbamimidamido-1-carbamoylbutyl]carbamoyl}butyl]amino}-6-oxohexyl)-3,4-dihydroxytetrahydrofuran-2-carboxamide 'C28 H47 N15 O7'
#
# COMPACT_ATOMS: atom_id res chain seq x y z
N SER A 10 20.72 21.94 9.00
CA SER A 10 20.96 21.46 7.61
C SER A 10 19.93 20.40 7.24
N GLU A 11 19.24 20.62 6.12
CA GLU A 11 18.15 19.74 5.69
C GLU A 11 18.66 18.40 5.15
N GLN A 12 19.91 18.38 4.69
CA GLN A 12 20.52 17.16 4.12
C GLN A 12 20.87 16.14 5.20
N GLU A 13 21.64 16.57 6.22
CA GLU A 13 22.00 15.73 7.38
C GLU A 13 20.78 15.21 8.10
N SER A 14 19.74 16.03 8.13
CA SER A 14 18.52 15.75 8.84
C SER A 14 17.76 14.58 8.21
N VAL A 15 17.83 14.43 6.89
CA VAL A 15 17.18 13.28 6.24
C VAL A 15 17.90 11.96 6.58
N LYS A 16 19.23 11.99 6.57
CA LYS A 16 20.09 10.82 6.85
C LYS A 16 20.04 10.34 8.30
N GLU A 17 20.01 11.30 9.21
CA GLU A 17 19.84 11.03 10.63
C GLU A 17 18.42 10.47 10.95
N PHE A 18 17.39 11.06 10.34
CA PHE A 18 16.05 10.48 10.38
C PHE A 18 16.02 9.01 9.87
N LEU A 19 16.58 8.78 8.68
CA LEU A 19 16.64 7.45 8.07
C LEU A 19 17.47 6.40 8.85
N ALA A 20 18.56 6.86 9.46
CA ALA A 20 19.41 6.03 10.32
C ALA A 20 18.66 5.51 11.51
N LYS A 21 17.96 6.43 12.16
CA LYS A 21 17.14 6.13 13.33
C LYS A 21 15.97 5.17 13.01
N ALA A 22 15.25 5.47 11.92
CA ALA A 22 14.16 4.66 11.42
C ALA A 22 14.60 3.20 11.21
N LYS A 23 15.79 3.03 10.62
CA LYS A 23 16.43 1.73 10.41
C LYS A 23 16.72 1.00 11.72
N GLU A 24 17.34 1.70 12.65
CA GLU A 24 17.55 1.20 14.01
C GLU A 24 16.27 0.72 14.69
N ASP A 25 15.20 1.51 14.64
CA ASP A 25 13.92 1.14 15.23
C ASP A 25 13.29 -0.09 14.57
N PHE A 26 13.30 -0.09 13.23
CA PHE A 26 12.78 -1.21 12.43
C PHE A 26 13.51 -2.53 12.76
N LEU A 27 14.84 -2.47 12.86
CA LEU A 27 15.70 -3.64 13.06
C LEU A 27 15.54 -4.19 14.47
N LYS A 28 15.41 -3.33 15.47
CA LYS A 28 15.08 -3.81 16.81
C LYS A 28 13.75 -4.57 16.83
N LYS A 29 12.68 -3.94 16.32
CA LYS A 29 11.37 -4.56 16.22
C LYS A 29 11.34 -5.80 15.32
N TRP A 30 12.23 -5.84 14.35
CA TRP A 30 12.34 -6.97 13.43
C TRP A 30 12.97 -8.17 14.14
N GLU A 31 13.90 -7.91 15.06
CA GLU A 31 14.53 -9.01 15.77
C GLU A 31 13.79 -9.47 17.06
N ASN A 32 13.03 -8.58 17.68
CA ASN A 32 12.22 -8.92 18.87
C ASN A 32 10.73 -8.55 18.69
N PRO A 33 9.97 -9.35 17.95
CA PRO A 33 8.60 -9.01 17.53
C PRO A 33 7.49 -8.89 18.59
N ALA A 34 6.29 -9.30 18.16
CA ALA A 34 5.03 -9.18 18.91
C ALA A 34 4.08 -10.23 18.33
N GLN A 35 3.46 -11.02 19.20
CA GLN A 35 2.77 -12.23 18.76
C GLN A 35 1.85 -12.73 19.89
N ASN A 36 0.65 -13.19 19.51
CA ASN A 36 -0.43 -13.61 20.46
C ASN A 36 -0.94 -12.44 21.32
N THR A 37 -1.03 -11.29 20.66
CA THR A 37 -1.50 -10.05 21.25
C THR A 37 -3.02 -10.05 21.65
N ALA A 38 -3.84 -10.96 21.08
CA ALA A 38 -5.29 -10.93 21.30
C ALA A 38 -6.04 -12.22 20.93
N HIS A 39 -7.37 -12.22 21.16
CA HIS A 39 -8.25 -13.33 20.79
C HIS A 39 -9.55 -12.84 20.13
N LEU A 40 -10.15 -13.66 19.27
CA LEU A 40 -11.29 -13.28 18.45
C LEU A 40 -12.50 -12.80 19.27
N ASP A 41 -12.68 -13.43 20.44
CA ASP A 41 -13.83 -13.24 21.35
C ASP A 41 -13.88 -11.86 21.97
N GLN A 42 -12.73 -11.19 21.97
CA GLN A 42 -12.57 -9.81 22.42
C GLN A 42 -13.12 -8.74 21.43
N PHE A 43 -13.61 -9.17 20.27
CA PHE A 43 -14.06 -8.29 19.20
C PHE A 43 -15.49 -8.61 18.79
N GLU A 44 -16.28 -7.57 18.53
CA GLU A 44 -17.58 -7.73 17.92
C GLU A 44 -17.49 -7.29 16.46
N ARG A 45 -17.91 -8.20 15.58
CA ARG A 45 -17.90 -7.98 14.15
C ARG A 45 -19.00 -7.02 13.77
N ILE A 46 -18.67 -6.02 12.97
CA ILE A 46 -19.66 -5.05 12.55
C ILE A 46 -20.07 -5.23 11.08
N LYS A 47 -19.11 -5.15 10.18
CA LYS A 47 -19.37 -4.98 8.76
C LYS A 47 -18.16 -5.36 7.94
N THR A 48 -18.41 -5.91 6.75
CA THR A 48 -17.34 -6.21 5.82
C THR A 48 -16.92 -4.95 5.07
N LEU A 49 -15.62 -4.63 5.15
CA LEU A 49 -15.02 -3.48 4.43
C LEU A 49 -14.35 -3.83 3.08
N GLY A 50 -14.02 -5.10 2.90
CA GLY A 50 -13.35 -5.53 1.69
C GLY A 50 -13.33 -7.04 1.62
N THR A 51 -13.41 -7.53 0.39
CA THR A 51 -13.38 -8.98 0.09
C THR A 51 -12.18 -9.32 -0.79
N GLY A 52 -11.77 -10.58 -0.75
CA GLY A 52 -10.62 -11.02 -1.51
C GLY A 52 -10.78 -12.51 -1.73
N SER A 53 -9.76 -13.12 -2.33
CA SER A 53 -9.81 -14.52 -2.72
C SER A 53 -9.40 -15.49 -1.61
N PHE A 54 -8.65 -15.03 -0.60
CA PHE A 54 -8.32 -15.86 0.55
C PHE A 54 -8.66 -15.24 1.90
N GLY A 55 -9.36 -14.13 1.90
CA GLY A 55 -9.62 -13.45 3.14
C GLY A 55 -10.60 -12.32 2.97
N ARG A 56 -10.92 -11.67 4.09
CA ARG A 56 -11.69 -10.43 4.04
C ARG A 56 -11.21 -9.46 5.12
N VAL A 57 -11.61 -8.20 5.01
CA VAL A 57 -11.33 -7.22 6.06
C VAL A 57 -12.64 -6.76 6.65
N MET A 58 -12.73 -6.81 7.96
CA MET A 58 -13.94 -6.37 8.66
C MET A 58 -13.77 -5.23 9.67
N LEU A 59 -14.77 -4.37 9.77
CA LEU A 59 -14.88 -3.46 10.90
C LEU A 59 -15.24 -4.29 12.14
N VAL A 60 -14.39 -4.24 13.15
CA VAL A 60 -14.73 -4.82 14.45
C VAL A 60 -14.69 -3.78 15.58
N LYS A 61 -15.34 -4.08 16.68
CA LYS A 61 -15.19 -3.26 17.87
C LYS A 61 -14.56 -4.08 18.98
N HIS A 62 -13.52 -3.53 19.60
CA HIS A 62 -12.87 -4.12 20.75
C HIS A 62 -13.77 -3.84 21.98
N MET A 63 -14.37 -4.89 22.53
CA MET A 63 -15.33 -4.77 23.61
C MET A 63 -14.86 -4.14 24.93
N GLU A 64 -13.61 -4.39 25.35
CA GLU A 64 -13.03 -3.73 26.55
C GLU A 64 -12.93 -2.21 26.41
N THR A 65 -12.47 -1.74 25.24
CA THR A 65 -12.18 -0.31 25.05
C THR A 65 -13.27 0.42 24.28
N GLY A 66 -14.11 -0.33 23.57
CA GLY A 66 -15.08 0.26 22.63
C GLY A 66 -14.44 0.82 21.34
N ASN A 67 -13.14 0.66 21.18
CA ASN A 67 -12.43 1.12 20.00
C ASN A 67 -12.71 0.23 18.75
N HIS A 68 -12.76 0.86 17.58
CA HIS A 68 -12.95 0.18 16.33
C HIS A 68 -11.65 -0.07 15.62
N TYR A 69 -11.59 -1.23 14.96
CA TYR A 69 -10.43 -1.66 14.19
C TYR A 69 -10.89 -2.33 12.89
N ALA A 70 -9.99 -2.36 11.92
CA ALA A 70 -10.12 -3.18 10.73
C ALA A 70 -9.35 -4.50 10.92
N MET A 71 -10.07 -5.60 10.88
CA MET A 71 -9.51 -6.89 11.18
C MET A 71 -9.46 -7.64 9.85
N LYS A 72 -8.24 -7.86 9.37
CA LYS A 72 -8.03 -8.70 8.20
C LYS A 72 -8.09 -10.16 8.63
N ILE A 73 -8.99 -10.90 7.99
CA ILE A 73 -9.21 -12.34 8.27
C ILE A 73 -8.82 -13.17 7.03
N LEU A 74 -7.88 -14.09 7.21
CA LEU A 74 -7.31 -14.82 6.09
C LEU A 74 -7.55 -16.29 6.32
N ASP A 75 -8.15 -16.95 5.33
CA ASP A 75 -8.43 -18.38 5.45
C ASP A 75 -7.13 -19.14 5.23
N LYS A 76 -6.66 -19.80 6.28
CA LYS A 76 -5.42 -20.53 6.25
C LYS A 76 -5.23 -21.51 5.07
N GLN A 77 -6.29 -22.24 4.70
CA GLN A 77 -6.21 -23.24 3.65
C GLN A 77 -6.14 -22.57 2.29
N LYS A 78 -6.82 -21.45 2.13
CA LYS A 78 -6.76 -20.74 0.86
C LYS A 78 -5.39 -20.08 0.66
N VAL A 79 -4.80 -19.58 1.75
CA VAL A 79 -3.44 -19.01 1.75
C VAL A 79 -2.42 -20.03 1.21
N VAL A 80 -2.45 -21.25 1.77
CA VAL A 80 -1.60 -22.36 1.32
C VAL A 80 -1.79 -22.70 -0.19
N LYS A 81 -3.04 -22.94 -0.59
CA LYS A 81 -3.39 -23.22 -2.00
C LYS A 81 -2.93 -22.13 -2.95
N LEU A 82 -3.06 -20.87 -2.53
CA LEU A 82 -2.81 -19.75 -3.44
C LEU A 82 -1.35 -19.35 -3.36
N LYS A 83 -0.61 -20.16 -2.59
CA LYS A 83 0.84 -20.03 -2.43
C LYS A 83 1.21 -18.69 -1.84
N GLN A 84 0.52 -18.32 -0.77
CA GLN A 84 0.78 -17.06 -0.09
C GLN A 84 1.23 -17.17 1.39
N ILE A 85 1.76 -18.31 1.80
CA ILE A 85 2.27 -18.51 3.18
C ILE A 85 3.40 -17.55 3.51
N GLU A 86 4.48 -17.62 2.74
CA GLU A 86 5.61 -16.74 2.95
C GLU A 86 5.17 -15.26 2.92
N HIS A 87 4.30 -14.92 1.94
CA HIS A 87 3.83 -13.55 1.72
C HIS A 87 3.01 -13.07 2.91
N THR A 88 2.22 -13.97 3.44
CA THR A 88 1.41 -13.69 4.59
C THR A 88 2.24 -13.52 5.86
N LEU A 89 3.30 -14.32 5.98
CA LEU A 89 4.22 -14.15 7.10
C LEU A 89 5.04 -12.86 6.96
N ASN A 90 5.47 -12.50 5.74
CA ASN A 90 6.16 -11.21 5.48
C ASN A 90 5.25 -10.06 5.95
N GLU A 91 3.96 -10.12 5.56
CA GLU A 91 3.04 -9.02 5.86
C GLU A 91 2.96 -8.68 7.35
N LYS A 92 2.68 -9.67 8.18
CA LYS A 92 2.63 -9.47 9.62
C LYS A 92 3.96 -8.99 10.23
N ARG A 93 5.07 -9.51 9.72
CA ARG A 93 6.42 -9.26 10.25
C ARG A 93 6.88 -7.85 9.92
N ILE A 94 6.59 -7.44 8.69
CA ILE A 94 6.86 -6.08 8.25
C ILE A 94 5.95 -5.11 8.96
N LEU A 95 4.66 -5.40 9.01
CA LEU A 95 3.70 -4.46 9.61
C LEU A 95 3.90 -4.21 11.12
N GLN A 96 4.25 -5.25 11.84
CA GLN A 96 4.64 -5.05 13.24
C GLN A 96 5.94 -4.25 13.41
N ALA A 97 6.84 -4.23 12.42
CA ALA A 97 8.17 -3.61 12.64
C ALA A 97 8.29 -2.16 12.18
N VAL A 98 7.42 -1.77 11.23
CA VAL A 98 7.54 -0.45 10.60
C VAL A 98 6.76 0.62 11.34
N ASN A 99 7.10 1.88 11.11
CA ASN A 99 6.43 3.00 11.77
C ASN A 99 6.61 4.23 10.92
N PHE A 100 5.55 4.70 10.27
CA PHE A 100 5.65 5.85 9.38
C PHE A 100 4.24 6.41 9.28
N PRO A 101 4.10 7.75 9.19
CA PRO A 101 2.79 8.39 9.22
C PRO A 101 1.78 7.87 8.17
N PHE A 102 2.23 7.45 6.99
CA PHE A 102 1.33 7.05 5.92
C PHE A 102 1.20 5.54 5.76
N LEU A 103 1.64 4.81 6.76
CA LEU A 103 1.44 3.37 6.79
C LEU A 103 0.41 3.03 7.87
N VAL A 104 -0.58 2.20 7.52
CA VAL A 104 -1.51 1.65 8.53
C VAL A 104 -0.78 1.04 9.76
N LYS A 105 -1.40 1.14 10.93
CA LYS A 105 -0.84 0.59 12.18
C LYS A 105 -1.46 -0.75 12.56
N LEU A 106 -0.63 -1.79 12.58
CA LEU A 106 -1.02 -3.13 13.02
C LEU A 106 -1.02 -3.12 14.55
N GLU A 107 -2.21 -3.21 15.14
CA GLU A 107 -2.42 -3.20 16.60
C GLU A 107 -2.35 -4.59 17.28
N PHE A 108 -3.01 -5.59 16.70
CA PHE A 108 -3.03 -6.93 17.27
C PHE A 108 -2.85 -7.95 16.16
N SER A 109 -2.26 -9.11 16.47
CA SER A 109 -2.32 -10.24 15.53
C SER A 109 -2.36 -11.56 16.31
N PHE A 110 -3.03 -12.55 15.73
CA PHE A 110 -3.19 -13.86 16.36
C PHE A 110 -3.75 -14.83 15.34
N LYS A 111 -3.90 -16.08 15.76
CA LYS A 111 -4.44 -17.10 14.89
C LYS A 111 -5.34 -18.02 15.69
N ASP A 112 -6.20 -18.73 14.98
CA ASP A 112 -6.94 -19.82 15.61
C ASP A 112 -6.79 -21.07 14.71
N ASN A 113 -7.76 -21.98 14.75
CA ASN A 113 -7.66 -23.20 13.96
C ASN A 113 -7.89 -22.98 12.48
N SER A 114 -8.77 -22.04 12.13
CA SER A 114 -9.08 -21.77 10.72
C SER A 114 -8.31 -20.58 10.09
N ASN A 115 -8.00 -19.56 10.89
CA ASN A 115 -7.65 -18.24 10.37
C ASN A 115 -6.46 -17.57 11.01
N LEU A 116 -5.99 -16.55 10.28
CA LEU A 116 -4.95 -15.64 10.68
C LEU A 116 -5.63 -14.29 10.82
N TYR A 117 -5.31 -13.57 11.88
CA TYR A 117 -5.95 -12.30 12.16
C TYR A 117 -4.90 -11.22 12.23
N MET A 118 -5.14 -10.13 11.51
CA MET A 118 -4.31 -8.92 11.59
C MET A 118 -5.19 -7.70 11.83
N VAL A 119 -5.09 -7.13 13.02
CA VAL A 119 -6.06 -6.14 13.48
C VAL A 119 -5.40 -4.78 13.40
N MET A 120 -5.84 -3.98 12.42
CA MET A 120 -5.27 -2.69 12.14
C MET A 120 -6.15 -1.55 12.72
N GLU A 121 -5.53 -0.43 13.02
CA GLU A 121 -6.29 0.78 13.22
C GLU A 121 -7.25 1.05 12.04
N TYR A 122 -8.48 1.41 12.36
CA TYR A 122 -9.50 1.62 11.38
C TYR A 122 -9.32 3.01 10.71
N VAL A 123 -9.24 3.03 9.38
CA VAL A 123 -9.11 4.26 8.59
C VAL A 123 -10.48 4.53 7.93
N PRO A 124 -11.26 5.47 8.48
CA PRO A 124 -12.69 5.61 8.12
C PRO A 124 -13.07 6.34 6.81
N GLY A 125 -12.11 7.00 6.19
CA GLY A 125 -12.35 7.76 4.99
C GLY A 125 -12.53 6.95 3.71
N GLY A 126 -12.31 5.63 3.78
CA GLY A 126 -12.53 4.71 2.63
C GLY A 126 -11.31 4.67 1.72
N GLU A 127 -11.38 3.89 0.64
CA GLU A 127 -10.27 3.80 -0.36
C GLU A 127 -10.18 5.02 -1.28
N MET A 128 -8.98 5.36 -1.73
CA MET A 128 -8.87 6.38 -2.74
C MET A 128 -9.61 5.97 -4.03
N PHE A 129 -9.62 4.68 -4.32
CA PHE A 129 -10.34 4.10 -5.43
C PHE A 129 -11.77 4.62 -5.65
N SER A 130 -12.60 4.51 -4.60
CA SER A 130 -14.01 4.99 -4.60
C SER A 130 -14.10 6.48 -4.88
N HIS A 131 -13.30 7.26 -4.15
CA HIS A 131 -13.26 8.71 -4.33
C HIS A 131 -12.90 9.09 -5.77
N LEU A 132 -11.91 8.41 -6.33
CA LEU A 132 -11.45 8.64 -7.68
C LEU A 132 -12.47 8.25 -8.76
N ARG A 133 -13.12 7.12 -8.59
CA ARG A 133 -14.17 6.72 -9.49
C ARG A 133 -15.39 7.61 -9.42
N ARG A 134 -15.68 8.09 -8.22
CA ARG A 134 -16.83 8.97 -8.01
C ARG A 134 -16.61 10.33 -8.69
N ILE A 135 -15.44 10.93 -8.48
CA ILE A 135 -15.25 12.27 -9.05
C ILE A 135 -14.65 12.41 -10.47
N GLY A 136 -14.27 11.29 -11.11
CA GLY A 136 -13.66 11.36 -12.45
C GLY A 136 -12.15 11.26 -12.38
N ARG A 137 -11.52 12.36 -12.02
CA ARG A 137 -10.08 12.46 -11.88
C ARG A 137 -9.77 13.48 -10.82
N PHE A 138 -8.51 13.48 -10.39
CA PHE A 138 -8.06 14.41 -9.37
C PHE A 138 -7.37 15.49 -10.19
N SEP A 139 -7.70 16.75 -9.95
CA SEP A 139 -6.91 17.82 -10.53
CB SEP A 139 -7.59 19.15 -10.24
OG SEP A 139 -8.88 19.20 -10.94
C SEP A 139 -5.45 17.73 -10.07
O SEP A 139 -5.18 17.15 -9.03
P SEP A 139 -9.46 20.70 -11.24
O1P SEP A 139 -8.45 21.52 -12.17
O2P SEP A 139 -10.89 20.60 -12.00
O3P SEP A 139 -9.59 21.53 -9.84
N GLU A 140 -4.51 18.24 -10.87
CA GLU A 140 -3.05 18.11 -10.60
C GLU A 140 -2.50 18.38 -9.17
N PRO A 141 -2.84 19.56 -8.56
CA PRO A 141 -2.49 19.83 -7.15
C PRO A 141 -3.03 18.76 -6.21
N HIS A 142 -4.31 18.35 -6.37
CA HIS A 142 -4.91 17.22 -5.62
C HIS A 142 -4.15 15.88 -5.80
N ALA A 143 -3.86 15.48 -7.02
CA ALA A 143 -3.02 14.27 -7.27
C ALA A 143 -1.61 14.36 -6.62
N ARG A 144 -1.00 15.55 -6.72
CA ARG A 144 0.34 15.87 -6.23
C ARG A 144 0.45 15.73 -4.71
N PHE A 145 -0.55 16.22 -4.00
CA PHE A 145 -0.68 15.99 -2.54
C PHE A 145 -0.60 14.50 -2.15
N TYR A 146 -1.33 13.65 -2.86
CA TYR A 146 -1.29 12.23 -2.61
C TYR A 146 0.03 11.59 -3.06
N ALA A 147 0.54 12.04 -4.20
CA ALA A 147 1.75 11.47 -4.75
C ALA A 147 2.93 11.82 -3.84
N ALA A 148 2.93 13.00 -3.23
CA ALA A 148 4.02 13.39 -2.31
C ALA A 148 4.10 12.40 -1.15
N GLN A 149 2.95 11.96 -0.66
CA GLN A 149 2.90 11.01 0.47
C GLN A 149 3.42 9.61 0.14
N ILE A 150 3.11 9.13 -1.08
CA ILE A 150 3.66 7.87 -1.56
C ILE A 150 5.15 7.98 -1.82
N VAL A 151 5.62 9.11 -2.34
CA VAL A 151 7.06 9.32 -2.53
C VAL A 151 7.85 9.21 -1.19
N LEU A 152 7.38 9.88 -0.15
CA LEU A 152 8.00 9.77 1.19
C LEU A 152 7.89 8.38 1.76
N THR A 153 6.73 7.75 1.53
CA THR A 153 6.52 6.39 2.00
C THR A 153 7.51 5.40 1.36
N PHE A 154 7.72 5.47 0.05
CA PHE A 154 8.69 4.59 -0.60
C PHE A 154 10.15 4.91 -0.19
N GLU A 155 10.46 6.18 0.00
CA GLU A 155 11.80 6.51 0.42
C GLU A 155 12.12 5.82 1.76
N TYR A 156 11.15 5.84 2.68
CA TYR A 156 11.22 5.24 4.00
C TYR A 156 11.37 3.71 3.88
N LEU A 157 10.46 3.06 3.17
CA LEU A 157 10.46 1.60 3.00
C LEU A 157 11.70 1.09 2.28
N HIS A 158 12.04 1.75 1.17
CA HIS A 158 13.22 1.42 0.39
C HIS A 158 14.53 1.57 1.18
N SER A 159 14.60 2.55 2.08
CA SER A 159 15.76 2.74 2.98
C SER A 159 15.93 1.56 3.93
N LEU A 160 14.83 0.89 4.24
CA LEU A 160 14.79 -0.31 5.09
C LEU A 160 14.94 -1.60 4.29
N ASP A 161 15.23 -1.47 2.99
CA ASP A 161 15.23 -2.56 1.99
C ASP A 161 13.87 -3.27 1.84
N LEU A 162 12.78 -2.54 2.00
CA LEU A 162 11.46 -3.11 1.81
C LEU A 162 10.92 -2.66 0.43
N ILE A 163 10.43 -3.63 -0.32
CA ILE A 163 9.76 -3.33 -1.59
C ILE A 163 8.28 -3.54 -1.30
N TYR A 164 7.43 -2.65 -1.77
CA TYR A 164 5.98 -2.70 -1.42
C TYR A 164 5.15 -3.62 -2.33
N ARG A 165 5.24 -3.35 -3.63
CA ARG A 165 4.75 -4.22 -4.71
C ARG A 165 3.25 -4.35 -4.89
N ASP A 166 2.46 -3.50 -4.26
CA ASP A 166 1.02 -3.54 -4.51
C ASP A 166 0.37 -2.17 -4.54
N LEU A 167 1.05 -1.20 -5.11
CA LEU A 167 0.51 0.18 -5.12
C LEU A 167 -0.66 0.21 -6.06
N LYS A 168 -1.75 0.85 -5.63
CA LYS A 168 -2.98 1.01 -6.43
C LYS A 168 -3.95 1.73 -5.48
N PRO A 169 -4.92 2.47 -6.04
CA PRO A 169 -5.89 3.26 -5.29
C PRO A 169 -6.66 2.50 -4.22
N GLU A 170 -6.98 1.24 -4.48
CA GLU A 170 -7.65 0.39 -3.53
C GLU A 170 -6.87 0.23 -2.21
N ASN A 171 -5.54 0.29 -2.26
CA ASN A 171 -4.75 0.11 -1.02
C ASN A 171 -4.42 1.41 -0.28
N LEU A 172 -4.90 2.52 -0.84
CA LEU A 172 -4.67 3.84 -0.29
C LEU A 172 -5.94 4.36 0.40
N LEU A 173 -5.90 4.43 1.71
CA LEU A 173 -7.08 4.70 2.50
C LEU A 173 -6.94 6.13 2.96
N ILE A 174 -8.05 6.88 3.01
CA ILE A 174 -8.04 8.29 3.38
C ILE A 174 -8.40 8.34 4.85
N ASP A 175 -7.58 9.00 5.66
CA ASP A 175 -7.92 9.14 7.09
C ASP A 175 -8.80 10.37 7.35
N GLN A 176 -9.11 10.65 8.61
CA GLN A 176 -10.04 11.76 8.95
C GLN A 176 -9.47 13.11 8.54
N GLN A 177 -8.14 13.21 8.49
CA GLN A 177 -7.46 14.45 8.11
C GLN A 177 -7.33 14.57 6.61
N GLY A 178 -7.75 13.54 5.88
CA GLY A 178 -7.60 13.53 4.43
C GLY A 178 -6.24 13.07 3.94
N TYR A 179 -5.44 12.50 4.83
CA TYR A 179 -4.14 11.97 4.47
C TYR A 179 -4.26 10.49 4.15
N ILE A 180 -3.29 9.95 3.41
CA ILE A 180 -3.25 8.54 3.05
C ILE A 180 -2.67 7.64 4.15
N GLN A 181 -3.26 6.46 4.32
CA GLN A 181 -2.60 5.30 4.95
C GLN A 181 -2.54 4.15 3.95
N VAL A 182 -1.33 3.66 3.69
CA VAL A 182 -1.14 2.47 2.86
C VAL A 182 -1.52 1.22 3.67
N THR A 183 -2.46 0.45 3.13
CA THR A 183 -2.80 -0.87 3.68
C THR A 183 -2.34 -2.00 2.72
N ASP A 184 -2.40 -3.25 3.19
CA ASP A 184 -2.04 -4.47 2.45
C ASP A 184 -0.56 -4.63 2.14
N PHE A 185 0.15 -5.28 3.05
CA PHE A 185 1.57 -5.61 2.89
C PHE A 185 1.79 -7.09 2.51
N GLY A 186 0.78 -7.71 1.91
CA GLY A 186 0.84 -9.09 1.46
C GLY A 186 1.76 -9.36 0.26
N PHE A 187 2.30 -8.33 -0.38
CA PHE A 187 3.36 -8.58 -1.37
C PHE A 187 4.67 -7.91 -1.00
N ALA A 188 4.72 -7.27 0.20
CA ALA A 188 5.90 -6.52 0.67
C ALA A 188 6.98 -7.47 1.10
N LYS A 189 8.24 -7.11 0.84
CA LYS A 189 9.31 -8.03 1.01
C LYS A 189 10.58 -7.29 1.35
N ARG A 190 11.34 -7.84 2.29
CA ARG A 190 12.68 -7.33 2.49
C ARG A 190 13.66 -7.91 1.46
N VAL A 191 14.17 -7.04 0.61
CA VAL A 191 15.13 -7.43 -0.43
C VAL A 191 16.23 -6.40 -0.64
N LYS A 192 17.47 -6.82 -0.41
CA LYS A 192 18.61 -5.93 -0.61
C LYS A 192 19.01 -5.80 -2.08
N GLY A 193 18.80 -6.84 -2.89
CA GLY A 193 19.14 -6.80 -4.32
C GLY A 193 17.95 -7.15 -5.17
N ARG A 194 18.00 -8.33 -5.81
CA ARG A 194 16.94 -8.80 -6.71
C ARG A 194 15.92 -9.76 -6.06
N THR A 195 14.74 -9.85 -6.67
CA THR A 195 13.74 -10.84 -6.28
C THR A 195 12.97 -11.28 -7.53
N TRP A 196 12.23 -12.39 -7.47
CA TRP A 196 11.74 -13.04 -8.69
C TRP A 196 10.24 -13.41 -8.71
N TPO A 197 9.52 -13.25 -7.62
CA TPO A 197 8.07 -13.62 -7.62
CB TPO A 197 7.43 -13.63 -6.24
CG2 TPO A 197 6.13 -14.45 -6.21
OG1 TPO A 197 8.31 -14.19 -5.26
P TPO A 197 9.05 -13.24 -4.21
O1P TPO A 197 10.21 -14.09 -3.56
O2P TPO A 197 9.83 -12.06 -4.89
O3P TPO A 197 8.02 -12.78 -3.09
C TPO A 197 7.25 -12.75 -8.56
O TPO A 197 7.41 -11.52 -8.63
N LEU A 198 6.38 -13.42 -9.30
CA LEU A 198 5.48 -12.77 -10.21
C LEU A 198 4.27 -12.40 -9.39
N CYS A 199 4.19 -11.15 -8.98
CA CYS A 199 3.04 -10.73 -8.20
C CYS A 199 2.83 -9.23 -8.39
N GLY A 200 1.60 -8.79 -8.18
CA GLY A 200 1.24 -7.38 -8.21
C GLY A 200 -0.11 -7.31 -8.84
N THR A 201 -0.52 -6.14 -9.30
CA THR A 201 -1.80 -6.00 -10.01
C THR A 201 -1.49 -5.68 -11.48
N PRO A 202 -2.11 -6.41 -12.43
CA PRO A 202 -1.72 -6.26 -13.84
C PRO A 202 -1.47 -4.83 -14.32
N GLU A 203 -2.37 -3.89 -14.03
CA GLU A 203 -2.26 -2.50 -14.52
C GLU A 203 -1.03 -1.77 -13.96
N TYR A 204 -0.52 -2.26 -12.83
CA TYR A 204 0.53 -1.60 -12.07
C TYR A 204 1.92 -2.23 -12.20
N LEU A 205 1.96 -3.43 -12.81
CA LEU A 205 3.22 -4.18 -13.07
C LEU A 205 4.22 -3.49 -14.00
N ALA A 206 5.45 -3.33 -13.51
CA ALA A 206 6.55 -2.87 -14.37
C ALA A 206 6.88 -3.93 -15.45
N PRO A 207 7.41 -3.50 -16.61
CA PRO A 207 7.67 -4.46 -17.72
C PRO A 207 8.57 -5.61 -17.27
N GLU A 208 9.50 -5.32 -16.34
CA GLU A 208 10.48 -6.32 -15.89
C GLU A 208 9.83 -7.46 -15.08
N ILE A 209 8.74 -7.17 -14.36
CA ILE A 209 7.99 -8.27 -13.71
C ILE A 209 7.29 -9.17 -14.72
N ILE A 210 6.55 -8.52 -15.62
CA ILE A 210 5.89 -9.20 -16.74
C ILE A 210 6.81 -10.12 -17.54
N LEU A 211 8.05 -9.69 -17.79
CA LEU A 211 9.00 -10.43 -18.63
C LEU A 211 9.78 -11.47 -17.84
N SER A 212 9.32 -11.78 -16.63
CA SER A 212 9.97 -12.81 -15.84
C SER A 212 11.44 -12.51 -15.62
N LYS A 213 11.78 -11.23 -15.49
CA LYS A 213 13.13 -10.86 -15.10
C LYS A 213 13.18 -10.60 -13.60
N GLY A 214 14.26 -11.02 -12.94
CA GLY A 214 14.60 -10.60 -11.58
C GLY A 214 14.65 -9.08 -11.53
N TYR A 215 14.09 -8.55 -10.45
CA TYR A 215 13.86 -7.11 -10.36
C TYR A 215 14.05 -6.58 -8.93
N ASN A 216 14.08 -5.24 -8.83
CA ASN A 216 14.30 -4.57 -7.57
C ASN A 216 13.24 -3.53 -7.23
N LYS A 217 13.52 -2.73 -6.20
CA LYS A 217 12.64 -1.66 -5.73
C LYS A 217 12.17 -0.69 -6.82
N ALA A 218 12.82 -0.69 -7.99
CA ALA A 218 12.44 0.19 -9.07
C ALA A 218 11.06 -0.12 -9.65
N VAL A 219 10.54 -1.30 -9.37
CA VAL A 219 9.14 -1.59 -9.74
C VAL A 219 8.13 -0.70 -8.99
N ASP A 220 8.53 -0.20 -7.83
CA ASP A 220 7.68 0.64 -6.99
C ASP A 220 7.52 2.00 -7.62
N TRP A 221 8.60 2.49 -8.24
CA TRP A 221 8.64 3.81 -8.84
C TRP A 221 7.91 3.87 -10.18
N TRP A 222 7.99 2.76 -10.93
CA TRP A 222 7.13 2.52 -12.09
C TRP A 222 5.65 2.55 -11.67
N ALA A 223 5.29 1.80 -10.62
CA ALA A 223 3.91 1.80 -10.15
C ALA A 223 3.45 3.20 -9.67
N LEU A 224 4.39 4.01 -9.14
CA LEU A 224 4.11 5.41 -8.78
C LEU A 224 3.71 6.23 -10.01
N GLY A 225 4.47 6.08 -11.09
CA GLY A 225 4.07 6.58 -12.39
C GLY A 225 2.68 6.19 -12.82
N VAL A 226 2.35 4.89 -12.77
CA VAL A 226 1.00 4.42 -13.04
C VAL A 226 -0.06 5.10 -12.13
N LEU A 227 0.20 5.15 -10.81
CA LEU A 227 -0.73 5.77 -9.88
C LEU A 227 -0.97 7.23 -10.20
N ILE A 228 0.11 7.99 -10.44
CA ILE A 228 0.02 9.41 -10.75
C ILE A 228 -0.78 9.70 -12.03
N TYR A 229 -0.47 8.97 -13.10
CA TYR A 229 -1.28 9.01 -14.31
C TYR A 229 -2.73 8.68 -13.96
N GLU A 230 -2.99 7.63 -13.20
CA GLU A 230 -4.37 7.29 -12.90
C GLU A 230 -5.15 8.30 -12.04
N MET A 231 -4.50 8.87 -11.02
CA MET A 231 -5.06 10.01 -10.30
C MET A 231 -5.39 11.22 -11.18
N ALA A 232 -4.48 11.63 -12.06
CA ALA A 232 -4.68 12.83 -12.90
C ALA A 232 -5.53 12.63 -14.16
N ALA A 233 -5.53 11.40 -14.70
CA ALA A 233 -6.36 11.03 -15.84
C ALA A 233 -7.73 10.44 -15.43
N GLY A 234 -7.74 9.66 -14.33
CA GLY A 234 -8.90 8.91 -13.83
C GLY A 234 -8.99 7.46 -14.28
N TYR A 235 -8.06 7.06 -15.11
CA TYR A 235 -7.91 5.67 -15.58
C TYR A 235 -6.42 5.47 -15.75
N PRO A 236 -5.92 4.21 -15.64
CA PRO A 236 -4.47 3.92 -15.73
C PRO A 236 -3.99 3.93 -17.21
N PRO A 237 -2.67 4.18 -17.42
CA PRO A 237 -2.09 4.35 -18.75
C PRO A 237 -2.12 3.12 -19.71
N PHE A 238 -2.15 1.90 -19.18
CA PHE A 238 -2.23 0.65 -19.95
C PHE A 238 -3.48 -0.12 -19.48
N PHE A 239 -4.53 -0.02 -20.29
CA PHE A 239 -5.80 -0.65 -19.94
C PHE A 239 -6.25 -1.54 -21.08
N ALA A 240 -6.79 -2.70 -20.72
CA ALA A 240 -7.46 -3.63 -21.62
C ALA A 240 -8.43 -4.45 -20.82
N ASP A 241 -9.34 -5.13 -21.49
CA ASP A 241 -10.36 -5.92 -20.80
C ASP A 241 -9.79 -7.24 -20.24
N GLN A 242 -8.78 -7.77 -20.93
CA GLN A 242 -8.06 -9.00 -20.51
C GLN A 242 -6.59 -8.75 -20.20
N PRO A 243 -6.11 -9.30 -19.06
CA PRO A 243 -4.75 -9.07 -18.52
C PRO A 243 -3.67 -9.25 -19.57
N ILE A 244 -3.79 -10.30 -20.37
CA ILE A 244 -2.86 -10.61 -21.45
C ILE A 244 -2.53 -9.41 -22.37
N GLN A 245 -3.55 -8.66 -22.79
CA GLN A 245 -3.38 -7.43 -23.57
C GLN A 245 -2.93 -6.22 -22.72
N ILE A 246 -3.29 -6.16 -21.44
CA ILE A 246 -2.65 -5.19 -20.51
C ILE A 246 -1.11 -5.37 -20.54
N TYR A 247 -0.65 -6.62 -20.41
CA TYR A 247 0.80 -6.92 -20.41
C TYR A 247 1.49 -6.47 -21.67
N GLU A 248 0.89 -6.74 -22.83
CA GLU A 248 1.42 -6.31 -24.14
C GLU A 248 1.63 -4.84 -24.21
N LYS A 249 0.66 -4.09 -23.68
CA LYS A 249 0.72 -2.62 -23.66
C LYS A 249 1.85 -2.08 -22.77
N ILE A 250 1.94 -2.60 -21.54
CA ILE A 250 2.97 -2.19 -20.59
C ILE A 250 4.36 -2.35 -21.18
N VAL A 251 4.59 -3.49 -21.85
CA VAL A 251 5.93 -3.89 -22.31
C VAL A 251 6.51 -3.03 -23.46
N SER A 252 5.68 -2.67 -24.44
CA SER A 252 6.07 -1.58 -25.38
C SER A 252 6.29 -0.23 -24.70
N GLY A 253 5.50 0.05 -23.67
CA GLY A 253 5.61 1.30 -22.91
C GLY A 253 5.07 2.52 -23.64
N LYS A 254 4.38 2.31 -24.76
CA LYS A 254 3.78 3.40 -25.52
C LYS A 254 2.66 3.95 -24.66
N VAL A 255 2.82 5.18 -24.19
CA VAL A 255 1.83 5.83 -23.31
C VAL A 255 1.36 7.11 -23.95
N ARG A 256 0.04 7.31 -24.01
CA ARG A 256 -0.54 8.59 -24.38
C ARG A 256 -1.11 9.31 -23.18
N PHE A 257 -0.94 10.62 -23.17
CA PHE A 257 -1.33 11.47 -22.07
C PHE A 257 -2.55 12.29 -22.50
N PRO A 258 -3.52 12.47 -21.58
CA PRO A 258 -4.63 13.44 -21.82
C PRO A 258 -4.09 14.87 -22.13
N SER A 259 -4.81 15.62 -22.98
CA SER A 259 -4.32 16.93 -23.41
C SER A 259 -4.30 17.93 -22.27
N HIS A 260 -5.05 17.63 -21.22
CA HIS A 260 -5.03 18.49 -20.05
C HIS A 260 -3.81 18.33 -19.09
N PHE A 261 -3.07 17.20 -19.17
CA PHE A 261 -1.83 17.02 -18.40
C PHE A 261 -0.84 18.14 -18.71
N SER A 262 -0.25 18.70 -17.66
CA SER A 262 0.76 19.73 -17.79
C SER A 262 2.02 19.13 -18.39
N SER A 263 2.87 19.97 -18.98
CA SER A 263 4.15 19.53 -19.51
C SER A 263 5.04 18.93 -18.42
N ASP A 264 4.99 19.52 -17.22
CA ASP A 264 5.74 19.00 -16.06
C ASP A 264 5.30 17.59 -15.67
N LEU A 265 3.99 17.37 -15.57
CA LEU A 265 3.42 16.05 -15.31
C LEU A 265 3.89 15.00 -16.35
N LYS A 266 3.66 15.26 -17.62
CA LYS A 266 4.16 14.42 -18.71
C LYS A 266 5.66 14.10 -18.62
N ASP A 267 6.47 15.12 -18.29
CA ASP A 267 7.91 14.91 -18.20
C ASP A 267 8.26 13.97 -17.04
N LEU A 268 7.58 14.19 -15.91
CA LEU A 268 7.68 13.31 -14.73
C LEU A 268 7.29 11.88 -15.04
N LEU A 269 6.12 11.71 -15.65
CA LEU A 269 5.57 10.40 -15.96
C LEU A 269 6.37 9.67 -17.04
N ARG A 270 6.92 10.42 -17.97
CA ARG A 270 7.88 9.85 -18.92
C ARG A 270 9.11 9.29 -18.21
N ASN A 271 9.53 9.90 -17.10
CA ASN A 271 10.71 9.39 -16.37
C ASN A 271 10.43 8.27 -15.36
N LEU A 272 9.19 8.16 -14.88
CA LEU A 272 8.76 7.00 -14.07
C LEU A 272 8.40 5.81 -14.91
N LEU A 273 7.61 6.06 -15.96
CA LEU A 273 7.15 5.03 -16.88
C LEU A 273 8.22 4.77 -17.93
N GLN A 274 9.44 4.57 -17.44
CA GLN A 274 10.61 4.33 -18.29
C GLN A 274 10.91 2.82 -18.31
N VAL A 275 10.86 2.20 -19.49
CA VAL A 275 11.07 0.75 -19.62
C VAL A 275 12.53 0.44 -19.31
N ASP A 276 13.39 1.41 -19.59
CA ASP A 276 14.85 1.28 -19.42
C ASP A 276 15.29 1.61 -18.00
N LEU A 277 15.76 0.61 -17.28
CA LEU A 277 16.16 0.77 -15.88
C LEU A 277 17.30 1.75 -15.58
N THR A 278 18.16 2.00 -16.56
CA THR A 278 19.27 2.95 -16.41
C THR A 278 18.79 4.39 -16.49
N LYS A 279 17.51 4.54 -16.83
CA LYS A 279 16.87 5.83 -17.08
C LYS A 279 15.69 6.19 -16.14
N ARG A 280 15.02 5.17 -15.58
CA ARG A 280 13.88 5.35 -14.68
C ARG A 280 14.22 6.09 -13.38
N PHE A 281 13.60 7.25 -13.17
CA PHE A 281 13.72 8.01 -11.90
C PHE A 281 13.45 7.15 -10.65
N GLY A 282 14.23 7.39 -9.59
CA GLY A 282 14.18 6.57 -8.37
C GLY A 282 15.26 5.47 -8.42
N ASN A 283 15.61 5.06 -9.64
CA ASN A 283 16.67 4.08 -9.89
C ASN A 283 18.06 4.67 -10.35
N LEU A 284 18.16 5.99 -10.44
CA LEU A 284 19.40 6.58 -10.95
C LEU A 284 20.35 6.85 -9.79
N LYS A 285 21.48 7.53 -10.01
CA LYS A 285 22.41 7.75 -8.90
C LYS A 285 21.89 8.74 -7.83
N ASN A 286 21.03 9.67 -8.25
CA ASN A 286 20.50 10.64 -7.28
C ASN A 286 19.25 10.17 -6.51
N GLY A 287 18.90 8.89 -6.70
CA GLY A 287 17.86 8.22 -5.93
C GLY A 287 16.51 8.89 -6.05
N VAL A 288 15.88 9.11 -4.89
CA VAL A 288 14.52 9.66 -4.77
C VAL A 288 14.50 11.16 -5.04
N ASN A 289 15.67 11.79 -4.94
CA ASN A 289 15.75 13.24 -5.17
C ASN A 289 15.48 13.64 -6.59
N ASP A 290 15.65 12.72 -7.53
CA ASP A 290 15.31 13.01 -8.91
C ASP A 290 13.80 13.23 -9.07
N ILE A 291 13.04 12.59 -8.18
CA ILE A 291 11.58 12.78 -8.12
C ILE A 291 11.19 13.99 -7.29
N LYS A 292 11.80 14.14 -6.11
CA LYS A 292 11.46 15.27 -5.19
C LYS A 292 11.87 16.63 -5.72
N ASN A 293 12.93 16.63 -6.53
CA ASN A 293 13.44 17.87 -7.11
C ASN A 293 12.90 18.14 -8.50
N HIS A 294 12.08 17.21 -9.04
CA HIS A 294 11.43 17.42 -10.34
C HIS A 294 10.51 18.64 -10.24
N LYS A 295 10.39 19.36 -11.37
CA LYS A 295 9.53 20.55 -11.53
C LYS A 295 8.05 20.35 -11.14
N TRP A 296 7.47 19.16 -11.37
CA TRP A 296 6.06 18.95 -10.97
C TRP A 296 5.87 19.04 -9.46
N PHE A 297 6.95 18.81 -8.72
CA PHE A 297 6.92 18.87 -7.26
C PHE A 297 7.48 20.15 -6.65
N ALA A 298 7.70 21.19 -7.44
CA ALA A 298 8.42 22.38 -6.94
C ALA A 298 7.67 23.14 -5.85
N THR A 299 6.34 23.01 -5.81
CA THR A 299 5.56 23.72 -4.80
C THR A 299 5.29 22.85 -3.56
N THR A 300 5.90 21.65 -3.56
CA THR A 300 5.69 20.67 -2.51
C THR A 300 6.69 20.97 -1.41
N ASP A 301 6.13 21.14 -0.21
CA ASP A 301 6.89 21.28 1.02
C ASP A 301 6.95 19.89 1.65
N TRP A 302 8.03 19.17 1.36
CA TRP A 302 8.20 17.76 1.77
C TRP A 302 8.06 17.54 3.29
N ILE A 303 8.64 18.45 4.07
CA ILE A 303 8.55 18.39 5.54
C ILE A 303 7.14 18.59 6.09
N ALA A 304 6.43 19.57 5.56
CA ALA A 304 5.05 19.85 5.93
C ALA A 304 4.05 18.72 5.57
N ILE A 305 4.28 18.07 4.43
CA ILE A 305 3.55 16.83 4.10
C ILE A 305 3.80 15.74 5.16
N TYR A 306 5.08 15.46 5.41
CA TYR A 306 5.49 14.48 6.43
C TYR A 306 4.83 14.73 7.77
N GLN A 307 4.84 16.01 8.20
CA GLN A 307 4.26 16.46 9.46
C GLN A 307 2.74 16.65 9.42
N ARG A 308 2.17 16.39 8.26
CA ARG A 308 0.75 16.61 8.00
C ARG A 308 0.29 18.04 8.31
N LYS A 309 1.12 19.02 7.93
CA LYS A 309 0.79 20.42 8.21
C LYS A 309 -0.04 20.98 7.09
N VAL A 310 0.09 20.36 5.91
CA VAL A 310 -0.58 20.79 4.69
C VAL A 310 -2.09 20.48 4.76
N GLU A 311 -2.90 21.46 4.36
CA GLU A 311 -4.32 21.26 4.29
C GLU A 311 -4.67 20.31 3.15
N ALA A 312 -5.32 19.20 3.49
CA ALA A 312 -5.75 18.20 2.54
C ALA A 312 -6.85 18.78 1.65
N PRO A 313 -6.83 18.44 0.36
CA PRO A 313 -7.87 18.96 -0.55
C PRO A 313 -9.21 18.21 -0.49
N PHE A 314 -9.25 17.11 0.24
CA PHE A 314 -10.48 16.37 0.47
C PHE A 314 -10.48 15.78 1.89
N ILE A 315 -11.37 16.27 2.76
CA ILE A 315 -11.54 15.71 4.09
C ILE A 315 -12.82 14.87 4.14
N PRO A 316 -12.72 13.59 4.52
CA PRO A 316 -13.88 12.71 4.56
C PRO A 316 -14.90 13.10 5.64
N LYS A 317 -16.18 12.85 5.31
CA LYS A 317 -17.29 12.95 6.26
C LYS A 317 -17.28 11.78 7.26
N PHE A 318 -17.47 12.07 8.55
CA PHE A 318 -17.52 11.02 9.60
C PHE A 318 -18.62 11.22 10.66
N LYS A 319 -19.49 10.24 10.87
CA LYS A 319 -20.40 10.27 12.03
C LYS A 319 -19.81 9.42 13.16
N GLY A 320 -18.75 9.91 13.77
CA GLY A 320 -18.17 9.24 14.92
C GLY A 320 -17.60 7.84 14.71
N PRO A 321 -17.13 7.23 15.82
CA PRO A 321 -16.43 5.95 15.77
C PRO A 321 -17.25 4.88 15.04
N GLY A 322 -16.59 4.19 14.12
CA GLY A 322 -17.18 3.05 13.45
C GLY A 322 -18.19 3.38 12.38
N ASP A 323 -18.16 4.62 11.88
CA ASP A 323 -18.92 4.98 10.70
C ASP A 323 -18.30 4.33 9.45
N THR A 324 -19.14 3.70 8.64
CA THR A 324 -18.70 3.01 7.41
C THR A 324 -19.29 3.60 6.10
N SER A 325 -19.92 4.77 6.18
CA SER A 325 -20.49 5.45 5.02
C SER A 325 -19.53 5.67 3.83
N ASN A 326 -18.22 5.71 4.09
CA ASN A 326 -17.20 5.85 3.02
C ASN A 326 -16.74 4.54 2.32
N PHE A 327 -17.31 3.42 2.74
CA PHE A 327 -17.00 2.12 2.18
C PHE A 327 -18.21 1.56 1.46
N ASP A 328 -17.95 0.85 0.36
CA ASP A 328 -19.00 0.12 -0.37
C ASP A 328 -19.50 -1.08 0.47
N ASP A 329 -20.64 -1.64 0.08
CA ASP A 329 -21.29 -2.75 0.78
C ASP A 329 -20.98 -4.06 0.10
N TYR A 330 -20.82 -5.11 0.91
CA TYR A 330 -20.47 -6.45 0.46
C TYR A 330 -21.34 -7.46 1.19
N GLU A 331 -21.54 -8.62 0.59
CA GLU A 331 -22.32 -9.71 1.22
C GLU A 331 -21.68 -10.16 2.51
N GLU A 332 -22.45 -10.16 3.58
CA GLU A 332 -21.96 -10.63 4.87
C GLU A 332 -21.97 -12.16 4.96
N GLU A 333 -20.80 -12.75 5.17
CA GLU A 333 -20.65 -14.20 5.39
C GLU A 333 -20.16 -14.47 6.80
N GLU A 334 -20.36 -15.69 7.28
CA GLU A 334 -20.02 -16.00 8.66
C GLU A 334 -18.54 -16.31 8.80
N ILE A 335 -17.97 -15.93 9.94
CA ILE A 335 -16.63 -16.34 10.27
C ILE A 335 -16.71 -17.71 10.93
N ARG A 336 -16.33 -18.77 10.21
CA ARG A 336 -16.26 -20.12 10.80
C ARG A 336 -14.91 -20.43 11.45
N VAL A 337 -14.93 -20.97 12.67
CA VAL A 337 -13.69 -21.43 13.31
C VAL A 337 -13.73 -22.92 13.68
N SEP A 338 -13.03 -23.73 12.89
CA SEP A 338 -13.04 -25.18 13.01
CB SEP A 338 -12.17 -25.80 11.90
OG SEP A 338 -12.15 -27.23 11.94
C SEP A 338 -12.61 -25.71 14.40
O SEP A 338 -11.85 -25.07 15.13
P SEP A 338 -13.33 -27.96 11.09
O1P SEP A 338 -14.63 -28.04 12.03
O2P SEP A 338 -13.78 -27.20 9.74
O3P SEP A 338 -12.78 -29.43 10.74
N ILE A 339 -13.13 -26.89 14.74
CA ILE A 339 -12.72 -27.61 15.96
C ILE A 339 -11.32 -28.23 15.83
N ASN A 340 -10.88 -28.46 14.59
CA ASN A 340 -9.56 -29.03 14.31
C ASN A 340 -8.58 -28.01 13.71
N GLU A 341 -7.44 -27.83 14.38
CA GLU A 341 -6.34 -26.99 13.86
C GLU A 341 -6.00 -27.34 12.43
N LYS A 342 -5.95 -26.32 11.58
CA LYS A 342 -5.63 -26.50 10.17
C LYS A 342 -4.29 -25.81 9.91
N CYS A 343 -3.49 -26.43 9.03
CA CYS A 343 -2.23 -25.86 8.55
C CYS A 343 -1.33 -25.35 9.67
N GLY A 344 -1.14 -26.15 10.70
CA GLY A 344 -0.42 -25.68 11.87
C GLY A 344 1.06 -25.41 11.69
N LYS A 345 1.72 -26.25 10.90
CA LYS A 345 3.17 -26.17 10.78
C LYS A 345 3.51 -25.02 9.87
N GLU A 346 2.66 -24.86 8.85
CA GLU A 346 2.80 -23.78 7.85
C GLU A 346 2.87 -22.45 8.56
N PHE A 347 1.97 -22.30 9.53
CA PHE A 347 1.75 -21.05 10.20
C PHE A 347 2.26 -21.00 11.62
N SER A 348 3.21 -21.88 11.96
CA SER A 348 3.74 -21.94 13.32
C SER A 348 4.53 -20.68 13.67
N GLU A 349 5.08 -20.04 12.63
CA GLU A 349 5.83 -18.79 12.77
C GLU A 349 4.96 -17.51 12.89
N PHE A 350 3.66 -17.63 12.58
CA PHE A 350 2.72 -16.50 12.65
C PHE A 350 2.32 -16.23 14.10
N1 ARX B . -9.06 0.49 7.68
C2 ARX B . -10.15 0.44 6.91
N3 ARX B . -10.30 -0.37 5.83
C4 ARX B . -9.31 -1.22 5.49
C5 ARX B . -8.09 -1.25 6.29
C6 ARX B . -8.00 -0.34 7.45
N6 ARX B . -6.86 -0.34 8.20
N7 ARX B . -7.28 -2.17 5.71
C8 ARX B . -7.92 -2.68 4.65
N9 ARX B . -9.13 -2.13 4.51
O5' ARX B . -7.12 -4.60 2.33
O3' ARX B . -9.11 -1.88 -0.03
O2' ARX B . -11.07 -1.34 1.70
O4' ARX B . -9.86 -3.80 2.98
C5' ARX B . -8.11 -4.75 1.60
C3' ARX B . -8.90 -2.31 1.34
C2' ARX B . -9.81 -1.55 2.29
C4' ARX B . -9.28 -3.79 1.64
C1' ARX B . -10.10 -2.47 3.45
C26 ARX B . -7.00 -11.29 -0.01
O28 ARX B . -7.86 -12.15 -0.20
C25 ARX B . -6.87 -10.70 1.37
C24 ARX B . -8.21 -10.12 1.82
C23 ARX B . -8.42 -8.72 1.26
C22 ARX B . -7.20 -7.84 1.52
C21 ARX B . -7.10 -6.64 0.57
N20 ARX B . -8.23 -5.76 0.72
N27 ARX B . -6.17 -10.83 -0.95
C29 ARX B . -6.16 -11.22 -2.35
C37 ARX B . -4.78 -10.88 -2.96
C38 ARX B . -4.54 -11.39 -4.38
C39 ARX B . -4.65 -10.28 -5.45
N40 ARX B . -3.40 -9.59 -5.77
C41 ARX B . -3.09 -8.38 -5.27
N43 ARX B . -3.11 -7.31 -6.07
N42 ARX B . -2.77 -8.25 -4.05
C30 ARX B . -7.26 -10.52 -3.12
O35 ARX B . -7.82 -11.10 -4.04
N31 ARX B . -7.56 -9.28 -2.70
C32 ARX B . -7.90 -8.04 -3.45
C78 ARX B . -9.41 -7.95 -3.79
C79 ARX B . -9.96 -9.09 -4.65
C85 ARX B . -11.43 -8.93 -5.01
N77 ARX B . -12.09 -10.21 -5.23
C86 ARX B . -13.34 -10.47 -4.81
N93 ARX B . -14.30 -9.73 -5.16
N94 ARX B . -13.59 -11.54 -4.03
C75 ARX B . -6.94 -7.65 -4.58
O77 ARX B . -5.90 -7.05 -4.29
N76 ARX B . -7.19 -7.96 -5.88
N1 ARX C . -13.89 4.13 -14.92
C2 ARX C . -15.03 3.80 -15.59
N3 ARX C . -15.24 3.89 -16.93
C4 ARX C . -14.24 4.37 -17.69
C5 ARX C . -12.95 4.77 -17.06
C6 ARX C . -12.82 4.61 -15.59
N6 ARX C . -11.65 4.94 -14.96
N7 ARX C . -12.13 5.22 -18.03
C8 ARX C . -12.85 5.11 -19.18
N9 ARX C . -14.11 4.62 -18.98
O5' ARX C . -13.21 5.07 -24.04
O3' ARX C . -16.89 4.95 -22.81
O2' ARX C . -17.25 5.62 -20.30
O4' ARX C . -14.50 3.58 -21.07
C5' ARX C . -13.30 4.88 -22.83
C3' ARX C . -15.67 5.38 -22.16
C2' ARX C . -15.85 5.54 -20.66
C4' ARX C . -14.60 4.29 -22.32
C1' ARX C . -15.16 4.33 -20.02
C26 ARX C . -12.63 11.27 -19.84
O28 ARX C . -11.79 12.14 -20.02
C25 ARX C . -13.20 10.51 -21.04
C24 ARX C . -12.79 9.04 -20.93
C23 ARX C . -11.63 8.63 -21.81
C22 ARX C . -11.06 7.27 -21.34
C21 ARX C . -11.20 6.10 -22.30
N20 ARX C . -12.30 5.19 -21.97
N27 ARX C . -13.02 10.97 -18.61
C29 ARX C . -12.30 11.49 -17.45
C37 ARX C . -12.57 10.68 -16.18
C38 ARX C . -12.07 9.26 -16.39
C39 ARX C . -12.61 8.36 -15.31
N40 ARX C . -14.02 8.15 -15.51
C41 ARX C . -14.85 7.84 -14.51
N43 ARX C . -16.13 7.60 -14.78
N42 ARX C . -14.42 7.72 -13.32
C30 ARX C . -12.59 12.94 -17.19
O35 ARX C . -11.67 13.74 -17.02
N31 ARX C . -13.87 13.29 -17.19
C32 ARX C . -14.42 14.64 -17.03
C78 ARX C . -14.74 14.87 -15.55
C79 ARX C . -13.46 15.34 -14.89
C85 ARX C . -13.78 16.11 -13.63
N77 ARX C . -12.80 16.07 -12.56
C86 ARX C . -11.98 17.11 -12.34
N93 ARX C . -11.19 17.14 -11.33
N94 ARX C . -11.99 18.12 -13.21
C75 ARX C . -15.70 14.76 -17.83
O77 ARX C . -16.28 13.72 -18.16
N76 ARX C . -16.17 15.97 -18.16
#